data_1B59
#
_entry.id   1B59
#
_cell.length_a   89.723
_cell.length_b   99.108
_cell.length_c   101.292
_cell.angle_alpha   90.00
_cell.angle_beta   90.00
_cell.angle_gamma   90.00
#
_symmetry.space_group_name_H-M   'C 2 2 21'
#
loop_
_entity.id
_entity.type
_entity.pdbx_description
1 polymer 'PROTEIN (METHIONINE AMINOPEPTIDASE)'
2 non-polymer 'COBALT (II) ION'
3 non-polymer '3,4-DIHYDROXY-2-METHOXY-4-METHYL-3-[2-METHYL-3-(3-METHYL-BUT-2-ENYL) -OXIRANYL]-CYCLOHEXANONE'
4 water water
#
_entity_poly.entity_id   1
_entity_poly.type   'polypeptide(L)'
_entity_poly.pdbx_seq_one_letter_code
;PKVQTDPPSVPICDLYPNGVFPKGQECEYPPTQDGRTAAWRTTSEEKKALDQASEEIWNDFREAAEAHRQVRKYVMSWIK
PGMTMIEICEKLEDCSRKLIKENGLNAGLAFPTGCSLNNCAAHYTPNAGDTTVLQYDDICKIDFGTHISGRIIDCAFTVT
FNPKYDTLLKAVKDATNTGIKCAGIDVRLCDVGEAIQEVMESYEVEIDGKTYQVKPIRNLNGHSIGQYRIHAGKTVPIVK
GGEATRMEEGEVYAIETFGSTGKGVVHDDMECSHYMKNFDVGHVPIRLPRTKHLLNVINENFGTLAFCRRWLDRLGESKY
LMALKNLCDLGIVDPYPPLCDIKGSYTAQFEHTILLRPTCKEVVSRGDDY
;
_entity_poly.pdbx_strand_id   A
#
loop_
_chem_comp.id
_chem_comp.type
_chem_comp.name
_chem_comp.formula
CO non-polymer 'COBALT (II) ION' 'Co 2'
OVA non-polymer '3,4-DIHYDROXY-2-METHOXY-4-METHYL-3-[2-METHYL-3-(3-METHYL-BUT-2-ENYL) -OXIRANYL]-CYCLOHEXANONE' 'C16 H26 O5'
#
# COMPACT_ATOMS: atom_id res chain seq x y z
N LYS A 2 -13.50 24.37 -0.84
CA LYS A 2 -12.89 25.65 -0.38
C LYS A 2 -11.36 25.59 -0.33
N VAL A 3 -10.82 25.97 0.81
CA VAL A 3 -9.45 25.67 1.20
C VAL A 3 -9.52 24.49 2.16
N GLN A 4 -8.49 23.68 2.30
CA GLN A 4 -8.58 22.57 3.26
C GLN A 4 -8.56 23.09 4.69
N THR A 5 -9.25 22.41 5.60
CA THR A 5 -9.29 22.77 7.00
C THR A 5 -8.09 22.30 7.83
N ASP A 6 -7.98 22.80 9.07
CA ASP A 6 -6.80 22.60 9.90
C ASP A 6 -6.52 21.11 10.06
N PRO A 7 -7.45 20.41 10.72
CA PRO A 7 -7.56 18.97 10.55
C PRO A 7 -8.45 18.75 9.33
N PRO A 8 -7.86 18.19 8.28
CA PRO A 8 -8.54 18.03 7.00
C PRO A 8 -9.93 17.44 7.15
N SER A 9 -10.90 18.06 6.47
CA SER A 9 -12.26 17.53 6.46
C SER A 9 -12.97 17.73 5.12
N VAL A 10 -12.42 18.56 4.24
CA VAL A 10 -13.03 18.79 2.94
C VAL A 10 -12.62 17.72 1.94
N PRO A 11 -13.60 17.02 1.38
CA PRO A 11 -13.30 16.10 0.28
C PRO A 11 -12.42 16.75 -0.77
N ILE A 12 -11.42 15.98 -1.26
CA ILE A 12 -10.65 16.43 -2.41
C ILE A 12 -11.54 16.90 -3.56
N CYS A 13 -12.65 16.23 -3.86
CA CYS A 13 -13.45 16.64 -5.03
C CYS A 13 -14.07 18.02 -4.85
N ASP A 14 -14.25 18.51 -3.62
CA ASP A 14 -14.73 19.84 -3.33
C ASP A 14 -13.65 20.92 -3.32
N LEU A 15 -12.38 20.51 -3.30
CA LEU A 15 -11.27 21.43 -3.42
C LEU A 15 -10.95 21.78 -4.86
N TYR A 16 -11.33 20.94 -5.83
CA TYR A 16 -11.11 21.09 -7.24
C TYR A 16 -12.43 21.03 -8.00
N PRO A 17 -13.18 22.12 -8.02
CA PRO A 17 -14.54 22.16 -8.54
C PRO A 17 -14.74 21.76 -9.98
N ASN A 18 -13.76 21.91 -10.85
CA ASN A 18 -13.76 21.53 -12.25
C ASN A 18 -13.50 20.04 -12.46
N GLY A 19 -13.10 19.35 -11.38
CA GLY A 19 -12.94 17.90 -11.41
C GLY A 19 -11.65 17.49 -12.11
N VAL A 20 -10.70 18.42 -12.09
CA VAL A 20 -9.38 18.15 -12.69
C VAL A 20 -8.38 18.18 -11.54
N PHE A 21 -7.72 17.03 -11.30
CA PHE A 21 -6.91 16.95 -10.07
C PHE A 21 -5.44 17.13 -10.40
N PRO A 22 -4.65 17.53 -9.40
CA PRO A 22 -3.24 17.82 -9.61
C PRO A 22 -2.44 16.65 -10.16
N LYS A 23 -1.58 16.88 -11.16
CA LYS A 23 -0.64 15.86 -11.58
C LYS A 23 0.41 15.55 -10.50
N GLY A 24 0.87 14.29 -10.53
CA GLY A 24 2.07 14.04 -9.68
C GLY A 24 3.33 14.43 -10.44
N GLN A 25 4.47 13.90 -10.02
CA GLN A 25 5.75 14.28 -10.65
C GLN A 25 5.84 13.62 -12.00
N GLU A 26 6.07 14.35 -13.10
CA GLU A 26 6.14 13.77 -14.42
C GLU A 26 7.59 13.63 -14.87
N CYS A 27 7.96 12.50 -15.46
CA CYS A 27 9.36 12.20 -15.74
C CYS A 27 9.48 11.71 -17.18
N GLU A 28 10.57 12.09 -17.86
CA GLU A 28 10.87 11.43 -19.14
C GLU A 28 11.27 9.98 -18.85
N TYR A 29 10.93 9.07 -19.74
CA TYR A 29 11.37 7.69 -19.62
C TYR A 29 12.90 7.63 -19.77
N PRO A 30 13.35 6.54 -19.00
CA PRO A 30 14.81 6.34 -19.09
C PRO A 30 15.19 5.93 -20.51
N GLU A 45 2.30 13.30 -30.66
CA GLU A 45 1.79 12.72 -31.94
C GLU A 45 0.64 11.75 -31.65
N GLU A 46 0.76 10.50 -32.05
CA GLU A 46 -0.21 9.47 -31.71
C GLU A 46 -0.22 9.21 -30.21
N LYS A 47 0.95 9.24 -29.58
CA LYS A 47 1.05 8.85 -28.17
C LYS A 47 0.43 9.91 -27.28
N LYS A 48 0.52 11.18 -27.67
CA LYS A 48 -0.18 12.24 -26.95
C LYS A 48 -1.70 12.09 -27.06
N ALA A 49 -2.17 11.62 -28.22
CA ALA A 49 -3.61 11.36 -28.36
C ALA A 49 -4.00 10.14 -27.51
N LEU A 50 -3.16 9.11 -27.57
CA LEU A 50 -3.32 7.95 -26.69
C LEU A 50 -3.34 8.34 -25.21
N ASP A 51 -2.41 9.14 -24.74
CA ASP A 51 -2.41 9.62 -23.37
C ASP A 51 -3.69 10.35 -23.00
N GLN A 52 -4.09 11.32 -23.83
CA GLN A 52 -5.29 12.10 -23.61
C GLN A 52 -6.57 11.28 -23.65
N ALA A 53 -6.61 10.19 -24.41
CA ALA A 53 -7.79 9.35 -24.47
C ALA A 53 -8.09 8.64 -23.15
N SER A 54 -7.07 8.39 -22.34
CA SER A 54 -7.24 7.80 -21.01
C SER A 54 -7.18 8.81 -19.89
N GLU A 55 -7.42 10.09 -20.17
CA GLU A 55 -7.29 11.16 -19.19
C GLU A 55 -8.25 11.00 -18.02
N GLU A 56 -9.44 10.45 -18.23
CA GLU A 56 -10.37 10.24 -17.12
C GLU A 56 -9.78 9.25 -16.10
N ILE A 57 -9.08 8.24 -16.58
CA ILE A 57 -8.40 7.30 -15.69
C ILE A 57 -7.25 7.93 -14.91
N TRP A 58 -6.39 8.70 -15.56
CA TRP A 58 -5.25 9.31 -14.89
C TRP A 58 -5.78 10.26 -13.82
N ASN A 59 -6.84 10.98 -14.17
CA ASN A 59 -7.45 11.96 -13.28
C ASN A 59 -8.01 11.30 -12.02
N ASP A 60 -8.59 10.12 -12.15
CA ASP A 60 -9.12 9.39 -10.99
C ASP A 60 -7.95 8.96 -10.08
N PHE A 61 -6.87 8.47 -10.67
CA PHE A 61 -5.67 8.17 -9.84
C PHE A 61 -5.17 9.40 -9.13
N ARG A 62 -5.16 10.58 -9.81
CA ARG A 62 -4.69 11.80 -9.20
C ARG A 62 -5.55 12.25 -8.04
N GLU A 63 -6.89 12.08 -8.15
CA GLU A 63 -7.79 12.42 -7.06
C GLU A 63 -7.50 11.55 -5.83
N ALA A 64 -7.32 10.27 -6.11
CA ALA A 64 -6.95 9.35 -5.01
C ALA A 64 -5.59 9.73 -4.43
N ALA A 65 -4.64 10.11 -5.27
CA ALA A 65 -3.29 10.42 -4.75
C ALA A 65 -3.28 11.68 -3.89
N GLU A 66 -4.11 12.67 -4.27
CA GLU A 66 -4.17 13.90 -3.45
C GLU A 66 -4.81 13.60 -2.10
N ALA A 67 -5.79 12.69 -2.04
CA ALA A 67 -6.35 12.26 -0.77
C ALA A 67 -5.21 11.62 0.05
N HIS A 68 -4.41 10.81 -0.63
CA HIS A 68 -3.32 10.11 0.12
C HIS A 68 -2.30 11.07 0.65
N ARG A 69 -1.90 12.08 -0.11
CA ARG A 69 -0.98 13.13 0.33
C ARG A 69 -1.54 13.89 1.53
N GLN A 70 -2.83 14.30 1.47
CA GLN A 70 -3.37 15.06 2.60
C GLN A 70 -3.56 14.21 3.85
N VAL A 71 -3.96 12.96 3.70
CA VAL A 71 -4.16 12.07 4.84
C VAL A 71 -2.78 11.86 5.52
N ARG A 72 -1.78 11.50 4.72
CA ARG A 72 -0.49 11.14 5.35
C ARG A 72 0.19 12.33 6.02
N LYS A 73 0.05 13.53 5.46
CA LYS A 73 0.57 14.73 6.12
C LYS A 73 -0.07 14.89 7.48
N TYR A 74 -1.39 14.72 7.55
CA TYR A 74 -2.12 14.79 8.81
C TYR A 74 -1.63 13.75 9.80
N VAL A 75 -1.54 12.50 9.33
CA VAL A 75 -0.99 11.41 10.17
C VAL A 75 0.37 11.75 10.77
N MET A 76 1.31 12.28 10.00
CA MET A 76 2.66 12.60 10.45
C MET A 76 2.63 13.69 11.53
N SER A 77 1.57 14.48 11.60
CA SER A 77 1.45 15.53 12.61
C SER A 77 1.08 14.99 13.99
N TRP A 78 0.45 13.82 14.09
CA TRP A 78 -0.04 13.40 15.41
C TRP A 78 0.42 12.01 15.83
N ILE A 79 0.94 11.24 14.88
CA ILE A 79 1.32 9.86 15.27
C ILE A 79 2.49 9.90 16.26
N LYS A 80 2.26 9.28 17.42
CA LYS A 80 3.18 9.42 18.57
C LYS A 80 3.15 8.13 19.36
N PRO A 81 4.28 7.74 19.96
CA PRO A 81 4.31 6.65 20.92
C PRO A 81 3.30 6.94 22.04
N GLY A 82 2.70 5.88 22.54
CA GLY A 82 1.67 5.98 23.57
C GLY A 82 0.28 5.78 22.98
N MET A 83 0.09 6.06 21.69
CA MET A 83 -1.21 5.72 21.05
C MET A 83 -1.29 4.22 20.81
N THR A 84 -2.53 3.68 20.83
CA THR A 84 -2.65 2.26 20.47
C THR A 84 -2.68 2.17 18.94
N MET A 85 -2.37 0.96 18.46
CA MET A 85 -2.36 0.82 16.98
C MET A 85 -3.79 0.96 16.44
N ILE A 86 -4.76 0.53 17.25
CA ILE A 86 -6.17 0.73 16.88
C ILE A 86 -6.50 2.21 16.81
N GLU A 87 -6.12 3.01 17.82
CA GLU A 87 -6.37 4.46 17.70
C GLU A 87 -5.77 5.11 16.48
N ILE A 88 -4.52 4.74 16.15
CA ILE A 88 -3.83 5.27 14.98
C ILE A 88 -4.63 4.91 13.72
N CYS A 89 -4.93 3.63 13.55
CA CYS A 89 -5.64 3.23 12.30
C CYS A 89 -7.02 3.86 12.17
N GLU A 90 -7.74 4.00 13.27
CA GLU A 90 -9.12 4.53 13.14
C GLU A 90 -9.06 6.01 12.85
N LYS A 91 -8.11 6.73 13.47
CA LYS A 91 -7.96 8.16 13.17
C LYS A 91 -7.49 8.40 11.73
N LEU A 92 -6.54 7.64 11.22
CA LEU A 92 -6.17 7.68 9.80
C LEU A 92 -7.35 7.34 8.87
N GLU A 93 -8.04 6.25 9.16
CA GLU A 93 -9.11 5.81 8.25
C GLU A 93 -10.28 6.78 8.23
N ASP A 94 -10.63 7.31 9.40
CA ASP A 94 -11.60 8.40 9.45
C ASP A 94 -11.32 9.51 8.47
N CYS A 95 -10.08 9.99 8.47
CA CYS A 95 -9.70 11.10 7.61
C CYS A 95 -9.74 10.67 6.14
N SER A 96 -9.31 9.44 5.88
CA SER A 96 -9.23 8.94 4.52
C SER A 96 -10.65 8.86 3.95
N ARG A 97 -11.57 8.32 4.74
CA ARG A 97 -12.96 8.21 4.27
C ARG A 97 -13.53 9.60 3.99
N LYS A 98 -13.22 10.59 4.83
CA LYS A 98 -13.72 11.94 4.58
C LYS A 98 -13.16 12.56 3.32
N LEU A 99 -11.84 12.43 3.09
CA LEU A 99 -11.22 13.15 1.98
C LEU A 99 -11.44 12.44 0.65
N ILE A 100 -11.60 11.12 0.68
CA ILE A 100 -11.91 10.39 -0.55
C ILE A 100 -13.41 10.48 -0.88
N LYS A 101 -14.20 10.92 0.07
CA LYS A 101 -15.65 11.05 -0.04
C LYS A 101 -16.24 9.67 -0.32
N GLU A 102 -16.02 8.80 0.69
CA GLU A 102 -16.33 7.40 0.53
C GLU A 102 -17.74 7.23 -0.05
N ASN A 103 -17.88 6.37 -1.04
CA ASN A 103 -19.18 6.16 -1.70
C ASN A 103 -19.23 4.73 -2.22
N GLY A 104 -19.52 3.77 -1.33
CA GLY A 104 -19.64 2.38 -1.77
C GLY A 104 -18.37 1.94 -2.51
N LEU A 105 -18.49 1.28 -3.67
CA LEU A 105 -17.36 0.87 -4.47
C LEU A 105 -16.89 1.89 -5.49
N ASN A 106 -17.50 3.08 -5.52
CA ASN A 106 -17.13 4.11 -6.46
C ASN A 106 -15.98 4.98 -5.98
N ALA A 107 -15.82 5.07 -4.66
CA ALA A 107 -14.76 5.81 -4.02
C ALA A 107 -14.53 5.25 -2.62
N GLY A 108 -13.27 5.03 -2.21
CA GLY A 108 -13.19 4.51 -0.85
C GLY A 108 -11.76 4.15 -0.45
N LEU A 109 -11.67 3.31 0.57
CA LEU A 109 -10.34 2.86 1.03
C LEU A 109 -9.98 1.63 0.22
N ALA A 110 -8.77 1.57 -0.33
CA ALA A 110 -8.51 0.48 -1.29
C ALA A 110 -8.16 -0.81 -0.57
N PHE A 111 -7.60 -0.69 0.64
CA PHE A 111 -7.14 -1.85 1.43
C PHE A 111 -6.81 -1.33 2.83
N PRO A 112 -6.75 -2.23 3.82
CA PRO A 112 -6.64 -1.86 5.21
C PRO A 112 -5.33 -1.12 5.52
N THR A 113 -5.35 -0.38 6.62
CA THR A 113 -4.18 0.41 7.01
C THR A 113 -3.10 -0.46 7.64
N GLY A 114 -2.04 -0.76 6.87
CA GLY A 114 -0.89 -1.47 7.40
C GLY A 114 -0.17 -0.53 8.40
N CYS A 115 0.30 -1.08 9.51
CA CYS A 115 1.04 -0.31 10.50
C CYS A 115 2.02 -1.30 11.14
N SER A 116 2.58 -2.16 10.27
CA SER A 116 3.50 -3.20 10.73
C SER A 116 4.72 -2.71 11.49
N LEU A 117 5.04 -3.46 12.58
CA LEU A 117 6.04 -2.96 13.52
C LEU A 117 7.30 -3.82 13.53
N ASN A 118 8.44 -3.14 13.53
CA ASN A 118 9.74 -3.74 13.91
C ASN A 118 10.14 -4.83 12.93
N ASN A 119 10.21 -6.09 13.27
CA ASN A 119 10.59 -7.14 12.32
C ASN A 119 9.46 -7.47 11.36
N CYS A 120 8.24 -7.05 11.71
CA CYS A 120 7.12 -7.21 10.78
C CYS A 120 7.09 -6.08 9.75
N ALA A 121 7.03 -6.52 8.49
CA ALA A 121 7.24 -5.60 7.38
C ALA A 121 5.95 -5.22 6.65
N ALA A 122 4.97 -6.10 6.67
CA ALA A 122 3.78 -5.86 5.83
C ALA A 122 2.61 -6.65 6.39
N HIS A 123 1.40 -6.15 6.11
CA HIS A 123 0.14 -6.87 6.30
C HIS A 123 -0.26 -7.07 7.76
N TYR A 124 0.24 -6.26 8.69
CA TYR A 124 -0.37 -6.16 10.03
C TYR A 124 -1.24 -4.89 10.09
N THR A 125 -2.48 -5.14 10.54
CA THR A 125 -3.29 -4.06 11.12
C THR A 125 -3.99 -4.74 12.30
N PRO A 126 -4.32 -3.97 13.34
CA PRO A 126 -4.89 -4.63 14.50
C PRO A 126 -6.30 -5.14 14.26
N ASN A 127 -6.63 -6.32 14.82
CA ASN A 127 -8.03 -6.74 14.96
C ASN A 127 -8.60 -6.21 16.28
N ALA A 128 -9.91 -6.29 16.45
CA ALA A 128 -10.58 -5.94 17.71
C ALA A 128 -9.86 -6.54 18.91
N GLY A 129 -9.70 -5.73 19.96
CA GLY A 129 -9.14 -6.24 21.20
C GLY A 129 -7.63 -6.12 21.26
N ASP A 130 -6.97 -5.79 20.16
CA ASP A 130 -5.49 -5.71 20.17
C ASP A 130 -5.07 -4.55 21.04
N THR A 131 -4.23 -4.82 22.07
CA THR A 131 -3.87 -3.76 23.00
C THR A 131 -2.50 -3.15 22.68
N THR A 132 -1.94 -3.51 21.53
CA THR A 132 -0.60 -3.00 21.18
C THR A 132 -0.49 -1.50 21.22
N VAL A 133 0.54 -0.97 21.88
CA VAL A 133 0.81 0.46 21.96
C VAL A 133 2.12 0.77 21.24
N LEU A 134 2.11 1.80 20.40
CA LEU A 134 3.26 2.23 19.64
C LEU A 134 4.34 2.76 20.62
N GLN A 135 5.56 2.31 20.45
CA GLN A 135 6.64 2.66 21.40
C GLN A 135 7.65 3.60 20.76
N TYR A 136 8.45 4.28 21.60
CA TYR A 136 9.45 5.22 21.10
C TYR A 136 10.45 4.56 20.17
N ASP A 137 10.93 3.36 20.48
CA ASP A 137 11.85 2.62 19.66
C ASP A 137 11.17 1.82 18.53
N ASP A 138 9.90 1.99 18.26
CA ASP A 138 9.27 1.20 17.18
C ASP A 138 9.57 1.76 15.80
N ILE A 139 9.61 0.86 14.80
CA ILE A 139 9.71 1.33 13.41
C ILE A 139 8.45 0.80 12.71
N CYS A 140 7.58 1.71 12.35
CA CYS A 140 6.21 1.40 11.91
C CYS A 140 5.97 1.77 10.46
N LYS A 141 5.61 0.75 9.66
CA LYS A 141 5.36 0.99 8.25
C LYS A 141 3.88 1.30 8.01
N ILE A 142 3.60 2.56 7.68
CA ILE A 142 2.24 2.99 7.36
C ILE A 142 2.00 2.82 5.86
N ASP A 143 1.13 1.89 5.49
CA ASP A 143 0.86 1.53 4.10
C ASP A 143 -0.65 1.55 3.93
N PHE A 144 -1.18 2.61 3.29
CA PHE A 144 -2.65 2.69 3.21
C PHE A 144 -3.00 3.14 1.79
N GLY A 145 -4.25 2.79 1.40
CA GLY A 145 -4.59 2.94 -0.02
C GLY A 145 -5.96 3.64 -0.17
N THR A 146 -6.04 4.41 -1.23
CA THR A 146 -7.30 5.08 -1.54
C THR A 146 -7.68 4.70 -2.98
N HIS A 147 -8.96 4.82 -3.36
CA HIS A 147 -9.24 4.64 -4.79
C HIS A 147 -10.45 5.50 -5.21
N ILE A 148 -10.41 5.86 -6.49
CA ILE A 148 -11.62 6.42 -7.13
C ILE A 148 -11.94 5.50 -8.26
N SER A 149 -13.15 4.99 -8.35
CA SER A 149 -13.59 4.09 -9.40
C SER A 149 -12.66 2.92 -9.59
N GLY A 150 -12.09 2.37 -8.47
CA GLY A 150 -11.17 1.27 -8.58
C GLY A 150 -9.77 1.63 -9.08
N ARG A 151 -9.47 2.90 -9.29
CA ARG A 151 -8.10 3.31 -9.65
C ARG A 151 -7.34 3.50 -8.33
N ILE A 152 -6.44 2.60 -7.98
CA ILE A 152 -5.95 2.48 -6.60
C ILE A 152 -4.56 3.14 -6.42
N ILE A 153 -4.42 3.91 -5.33
CA ILE A 153 -3.07 4.36 -4.94
C ILE A 153 -2.56 3.45 -3.83
N ASP A 154 -1.39 2.88 -4.03
CA ASP A 154 -0.75 2.12 -2.93
C ASP A 154 0.53 2.90 -2.65
N CYS A 155 0.58 3.61 -1.52
CA CYS A 155 1.76 4.38 -1.19
C CYS A 155 2.06 4.29 0.30
N ALA A 156 3.36 4.30 0.68
CA ALA A 156 3.68 3.89 2.04
C ALA A 156 5.01 4.55 2.46
N PHE A 157 5.08 4.83 3.76
CA PHE A 157 6.28 5.39 4.38
C PHE A 157 6.51 4.77 5.76
N THR A 158 7.71 5.01 6.29
CA THR A 158 8.05 4.44 7.61
C THR A 158 8.10 5.56 8.66
N VAL A 159 7.48 5.34 9.78
CA VAL A 159 7.46 6.23 10.96
C VAL A 159 8.42 5.73 12.04
N THR A 160 9.27 6.62 12.55
CA THR A 160 10.19 6.29 13.63
C THR A 160 10.29 7.55 14.53
N PHE A 161 10.77 7.30 15.74
CA PHE A 161 10.93 8.41 16.69
C PHE A 161 12.35 8.50 17.25
N ASN A 162 13.07 7.41 17.13
CA ASN A 162 14.49 7.34 17.51
C ASN A 162 15.31 7.54 16.26
N PRO A 163 16.24 8.48 16.30
CA PRO A 163 17.11 8.77 15.17
C PRO A 163 18.09 7.65 14.84
N LYS A 164 18.24 6.63 15.68
CA LYS A 164 19.06 5.50 15.36
C LYS A 164 18.67 4.78 14.07
N TYR A 165 17.42 4.87 13.59
CA TYR A 165 17.04 4.19 12.37
C TYR A 165 17.24 5.08 11.17
N ASP A 166 17.78 6.30 11.31
CA ASP A 166 17.72 7.25 10.19
C ASP A 166 18.39 6.72 8.93
N THR A 167 19.58 6.08 9.03
CA THR A 167 20.24 5.59 7.81
C THR A 167 19.52 4.39 7.18
N LEU A 168 18.90 3.56 8.01
CA LEU A 168 18.11 2.44 7.48
C LEU A 168 16.92 3.02 6.68
N LEU A 169 16.28 4.06 7.19
CA LEU A 169 15.19 4.70 6.41
C LEU A 169 15.67 5.34 5.13
N LYS A 170 16.84 5.99 5.16
CA LYS A 170 17.42 6.62 4.00
C LYS A 170 17.77 5.56 2.97
N ALA A 171 18.30 4.42 3.40
CA ALA A 171 18.63 3.37 2.42
C ALA A 171 17.39 2.97 1.64
N VAL A 172 16.29 2.79 2.38
CA VAL A 172 15.10 2.17 1.72
C VAL A 172 14.49 3.23 0.82
N LYS A 173 14.45 4.47 1.29
CA LYS A 173 13.91 5.57 0.47
C LYS A 173 14.68 5.74 -0.82
N ASP A 174 16.02 5.71 -0.70
CA ASP A 174 16.87 5.81 -1.90
C ASP A 174 16.64 4.61 -2.79
N ALA A 175 16.54 3.39 -2.24
CA ALA A 175 16.26 2.22 -3.08
C ALA A 175 14.91 2.32 -3.77
N THR A 176 13.89 2.85 -3.09
CA THR A 176 12.59 3.01 -3.74
C THR A 176 12.66 4.03 -4.86
N ASN A 177 13.33 5.15 -4.62
CA ASN A 177 13.44 6.18 -5.67
C ASN A 177 14.28 5.68 -6.84
N THR A 178 15.28 4.82 -6.59
CA THR A 178 16.00 4.18 -7.68
C THR A 178 15.13 3.24 -8.51
N GLY A 179 14.24 2.50 -7.87
CA GLY A 179 13.34 1.60 -8.61
C GLY A 179 12.39 2.48 -9.45
N ILE A 180 11.93 3.58 -8.88
CA ILE A 180 11.03 4.49 -9.58
C ILE A 180 11.75 5.08 -10.81
N LYS A 181 13.01 5.50 -10.61
CA LYS A 181 13.72 6.07 -11.77
C LYS A 181 14.03 5.02 -12.84
N CYS A 182 14.34 3.79 -12.48
CA CYS A 182 14.63 2.74 -13.46
C CYS A 182 13.41 2.28 -14.24
N ALA A 183 12.24 2.32 -13.60
CA ALA A 183 11.02 1.87 -14.26
C ALA A 183 10.75 2.64 -15.56
N GLY A 184 10.13 1.91 -16.50
CA GLY A 184 9.77 2.59 -17.77
C GLY A 184 9.17 1.59 -18.75
N ILE A 185 8.55 2.13 -19.79
CA ILE A 185 8.06 1.23 -20.86
C ILE A 185 9.22 0.48 -21.50
N ASP A 186 9.09 -0.79 -21.71
CA ASP A 186 10.06 -1.74 -22.24
C ASP A 186 11.21 -2.05 -21.30
N VAL A 187 11.21 -1.57 -20.05
CA VAL A 187 12.22 -1.97 -19.10
C VAL A 187 11.94 -3.37 -18.55
N ARG A 188 12.98 -4.20 -18.41
CA ARG A 188 12.85 -5.52 -17.86
C ARG A 188 12.65 -5.42 -16.34
N LEU A 189 11.68 -6.12 -15.81
CA LEU A 189 11.47 -6.12 -14.35
C LEU A 189 12.67 -6.61 -13.58
N CYS A 190 13.42 -7.61 -14.05
CA CYS A 190 14.65 -8.01 -13.38
C CYS A 190 15.66 -6.90 -13.26
N ASP A 191 15.73 -5.97 -14.22
CA ASP A 191 16.70 -4.89 -14.15
C ASP A 191 16.32 -3.88 -13.05
N VAL A 192 15.03 -3.70 -12.85
CA VAL A 192 14.58 -2.84 -11.75
C VAL A 192 14.98 -3.48 -10.43
N GLY A 193 14.75 -4.77 -10.24
CA GLY A 193 15.16 -5.42 -8.99
C GLY A 193 16.66 -5.32 -8.79
N GLU A 194 17.46 -5.59 -9.84
CA GLU A 194 18.92 -5.51 -9.64
C GLU A 194 19.34 -4.11 -9.18
N ALA A 195 18.78 -3.07 -9.81
CA ALA A 195 19.13 -1.72 -9.47
C ALA A 195 18.78 -1.33 -8.01
N ILE A 196 17.54 -1.69 -7.64
CA ILE A 196 17.11 -1.48 -6.23
C ILE A 196 18.08 -2.15 -5.26
N GLN A 197 18.50 -3.40 -5.52
CA GLN A 197 19.30 -4.12 -4.57
C GLN A 197 20.69 -3.44 -4.45
N GLU A 198 21.23 -3.06 -5.61
CA GLU A 198 22.56 -2.45 -5.63
C GLU A 198 22.58 -1.15 -4.81
N VAL A 199 21.56 -0.32 -4.95
CA VAL A 199 21.48 0.89 -4.11
C VAL A 199 21.24 0.55 -2.65
N MET A 200 20.32 -0.38 -2.36
CA MET A 200 19.94 -0.64 -0.97
C MET A 200 21.14 -1.20 -0.22
N GLU A 201 21.92 -2.05 -0.86
CA GLU A 201 23.04 -2.74 -0.22
C GLU A 201 24.29 -1.87 -0.18
N SER A 202 24.27 -0.69 -0.79
CA SER A 202 25.36 0.29 -0.63
C SER A 202 25.31 1.00 0.71
N TYR A 203 24.26 0.78 1.51
CA TYR A 203 24.10 1.40 2.81
C TYR A 203 24.54 0.46 3.94
N GLU A 204 25.31 0.98 4.90
CA GLU A 204 25.55 0.23 6.12
C GLU A 204 25.03 1.09 7.27
N VAL A 205 24.47 0.41 8.27
CA VAL A 205 23.84 1.11 9.39
C VAL A 205 24.32 0.57 10.73
N GLU A 206 24.21 1.39 11.77
CA GLU A 206 24.60 0.96 13.11
C GLU A 206 23.46 1.30 14.09
N ILE A 207 22.94 0.27 14.72
CA ILE A 207 21.76 0.39 15.59
C ILE A 207 22.11 -0.35 16.89
N ASP A 208 22.07 0.37 18.00
CA ASP A 208 22.45 -0.15 19.32
C ASP A 208 23.79 -0.86 19.31
N GLY A 209 24.82 -0.27 18.70
CA GLY A 209 26.17 -0.82 18.72
C GLY A 209 26.43 -1.99 17.78
N LYS A 210 25.46 -2.43 16.98
CA LYS A 210 25.70 -3.51 16.03
C LYS A 210 25.62 -2.92 14.62
N THR A 211 26.49 -3.38 13.72
CA THR A 211 26.43 -2.80 12.37
C THR A 211 25.85 -3.79 11.40
N TYR A 212 25.17 -3.30 10.35
CA TYR A 212 24.56 -4.18 9.37
C TYR A 212 24.68 -3.64 7.95
N GLN A 213 24.80 -4.51 6.95
CA GLN A 213 24.56 -4.03 5.58
C GLN A 213 23.06 -4.11 5.28
N VAL A 214 22.39 -3.08 4.80
CA VAL A 214 20.94 -3.21 4.61
C VAL A 214 20.61 -4.26 3.55
N LYS A 215 19.68 -5.18 3.81
CA LYS A 215 19.34 -6.13 2.73
C LYS A 215 17.88 -5.95 2.32
N PRO A 216 17.62 -6.03 1.03
CA PRO A 216 16.26 -6.02 0.52
C PRO A 216 15.58 -7.31 1.01
N ILE A 217 14.28 -7.26 1.27
CA ILE A 217 13.59 -8.49 1.71
C ILE A 217 13.17 -9.24 0.42
N ARG A 218 13.86 -10.35 0.15
CA ARG A 218 13.82 -10.86 -1.23
C ARG A 218 12.49 -11.45 -1.66
N ASN A 219 11.63 -11.86 -0.71
CA ASN A 219 10.35 -12.45 -1.06
C ASN A 219 9.22 -11.46 -0.80
N LEU A 220 9.54 -10.18 -0.80
CA LEU A 220 8.53 -9.13 -0.95
C LEU A 220 8.80 -8.36 -2.24
N ASN A 221 7.76 -7.78 -2.85
CA ASN A 221 7.83 -7.33 -4.24
C ASN A 221 6.96 -6.10 -4.44
N GLY A 222 7.31 -5.27 -5.39
CA GLY A 222 6.30 -4.34 -5.94
C GLY A 222 5.35 -5.11 -6.89
N HIS A 223 4.43 -4.39 -7.53
CA HIS A 223 3.39 -5.15 -8.28
C HIS A 223 2.60 -4.27 -9.23
N SER A 224 2.15 -4.84 -10.38
CA SER A 224 1.25 -4.02 -11.21
C SER A 224 -0.10 -3.95 -10.48
N ILE A 225 -0.86 -2.95 -10.86
CA ILE A 225 -2.15 -2.63 -10.28
C ILE A 225 -3.19 -2.60 -11.41
N GLY A 226 -4.30 -3.26 -11.21
CA GLY A 226 -5.40 -3.21 -12.18
C GLY A 226 -6.66 -2.62 -11.56
N GLN A 227 -7.74 -2.52 -12.37
CA GLN A 227 -8.95 -1.90 -11.83
C GLN A 227 -9.57 -2.82 -10.78
N TYR A 228 -9.73 -2.25 -9.57
CA TYR A 228 -10.19 -2.98 -8.40
C TYR A 228 -9.28 -4.17 -8.09
N ARG A 229 -8.01 -4.09 -8.48
CA ARG A 229 -7.13 -5.23 -8.38
C ARG A 229 -5.76 -4.75 -7.90
N ILE A 230 -5.56 -4.84 -6.58
CA ILE A 230 -4.29 -4.36 -6.01
C ILE A 230 -3.09 -5.09 -6.61
N HIS A 231 -3.21 -6.35 -6.99
CA HIS A 231 -2.09 -7.11 -7.50
C HIS A 231 -2.52 -7.69 -8.85
N ALA A 232 -2.18 -6.96 -9.92
CA ALA A 232 -2.65 -7.39 -11.23
C ALA A 232 -1.76 -8.44 -11.91
N GLY A 233 -0.77 -8.99 -11.27
CA GLY A 233 -0.15 -10.22 -11.76
C GLY A 233 1.31 -10.09 -12.13
N LYS A 234 1.81 -8.90 -12.45
CA LYS A 234 3.24 -8.75 -12.71
C LYS A 234 3.92 -8.30 -11.42
N THR A 235 5.05 -8.90 -11.06
CA THR A 235 5.66 -8.54 -9.78
C THR A 235 6.96 -7.79 -10.07
N VAL A 236 7.28 -6.78 -9.26
CA VAL A 236 8.51 -6.03 -9.42
C VAL A 236 9.51 -6.46 -8.35
N PRO A 237 10.53 -7.22 -8.72
CA PRO A 237 11.48 -7.78 -7.76
C PRO A 237 12.30 -6.69 -7.08
N ILE A 238 12.80 -6.94 -5.87
CA ILE A 238 13.64 -5.97 -5.20
C ILE A 238 15.04 -6.50 -4.96
N VAL A 239 15.34 -7.64 -5.56
CA VAL A 239 16.67 -8.25 -5.61
C VAL A 239 16.92 -8.73 -7.05
N LYS A 240 18.18 -9.01 -7.36
CA LYS A 240 18.55 -9.50 -8.69
C LYS A 240 17.99 -10.90 -8.85
N GLY A 241 17.96 -11.40 -10.09
CA GLY A 241 17.60 -12.79 -10.32
C GLY A 241 16.17 -13.01 -10.78
N GLY A 242 15.38 -11.96 -11.00
CA GLY A 242 13.97 -12.11 -11.29
C GLY A 242 13.70 -12.30 -12.79
N GLU A 243 12.46 -12.04 -13.20
CA GLU A 243 12.06 -12.28 -14.59
C GLU A 243 12.43 -11.15 -15.52
N ALA A 244 12.77 -11.45 -16.79
CA ALA A 244 12.99 -10.39 -17.77
C ALA A 244 11.74 -9.93 -18.50
N THR A 245 10.55 -10.31 -18.03
CA THR A 245 9.30 -9.68 -18.47
C THR A 245 9.40 -8.17 -18.44
N ARG A 246 8.92 -7.51 -19.49
CA ARG A 246 8.99 -6.07 -19.60
C ARG A 246 7.73 -5.40 -19.06
N MET A 247 7.91 -4.19 -18.52
CA MET A 247 6.84 -3.26 -18.27
C MET A 247 6.28 -2.71 -19.59
N GLU A 248 5.01 -2.39 -19.63
CA GLU A 248 4.33 -2.03 -20.87
C GLU A 248 3.61 -0.70 -20.71
N GLU A 249 3.50 0.06 -21.81
CA GLU A 249 2.72 1.27 -21.87
C GLU A 249 1.31 1.03 -21.34
N GLY A 250 0.85 1.95 -20.49
CA GLY A 250 -0.51 1.90 -19.94
C GLY A 250 -0.56 1.19 -18.59
N GLU A 251 0.50 0.45 -18.24
CA GLU A 251 0.47 -0.28 -16.96
C GLU A 251 0.65 0.70 -15.81
N VAL A 252 0.19 0.24 -14.63
CA VAL A 252 0.36 1.06 -13.42
C VAL A 252 1.03 0.14 -12.37
N TYR A 253 2.04 0.63 -11.66
CA TYR A 253 2.80 -0.19 -10.74
C TYR A 253 2.91 0.47 -9.35
N ALA A 254 2.89 -0.41 -8.36
CA ALA A 254 3.30 0.01 -7.01
C ALA A 254 4.78 -0.36 -6.93
N ILE A 255 5.63 0.63 -6.87
CA ILE A 255 7.08 0.44 -6.75
C ILE A 255 7.32 0.64 -5.22
N GLU A 256 7.58 -0.48 -4.60
CA GLU A 256 7.85 -0.46 -3.15
C GLU A 256 9.10 -1.28 -2.92
N THR A 257 9.87 -0.85 -1.91
CA THR A 257 11.01 -1.68 -1.47
C THR A 257 10.96 -1.80 0.04
N PHE A 258 11.60 -2.84 0.56
CA PHE A 258 11.59 -3.17 1.98
C PHE A 258 13.06 -3.48 2.32
N GLY A 259 13.64 -2.86 3.34
CA GLY A 259 15.00 -3.27 3.73
C GLY A 259 14.99 -3.84 5.15
N SER A 260 15.97 -4.70 5.45
CA SER A 260 15.91 -5.37 6.76
C SER A 260 17.32 -5.51 7.36
N THR A 261 17.36 -5.53 8.69
CA THR A 261 18.62 -5.94 9.37
C THR A 261 18.62 -7.41 9.69
N GLY A 262 17.59 -8.15 9.32
CA GLY A 262 17.47 -9.58 9.69
C GLY A 262 17.94 -10.47 8.55
N LYS A 263 17.23 -11.56 8.27
CA LYS A 263 17.53 -12.49 7.20
C LYS A 263 17.28 -11.94 5.81
N GLY A 264 16.43 -10.92 5.69
CA GLY A 264 15.98 -10.45 4.38
C GLY A 264 14.95 -11.37 3.76
N VAL A 265 14.18 -12.08 4.60
CA VAL A 265 13.15 -13.02 4.18
C VAL A 265 12.00 -12.88 5.17
N VAL A 266 10.75 -12.86 4.68
CA VAL A 266 9.65 -12.81 5.64
C VAL A 266 8.91 -14.14 5.65
N HIS A 267 8.33 -14.44 6.81
CA HIS A 267 7.38 -15.54 6.95
C HIS A 267 6.05 -15.06 7.53
N ASP A 268 4.97 -15.82 7.33
CA ASP A 268 3.70 -15.56 8.00
C ASP A 268 3.81 -15.64 9.52
N ASP A 269 3.24 -14.69 10.22
CA ASP A 269 3.35 -14.65 11.67
C ASP A 269 2.21 -13.85 12.27
N MET A 270 1.81 -14.26 13.49
CA MET A 270 0.79 -13.56 14.27
C MET A 270 -0.61 -13.83 13.69
N GLU A 271 -1.59 -13.17 14.28
CA GLU A 271 -3.00 -13.34 13.89
C GLU A 271 -3.23 -12.69 12.53
N CYS A 272 -4.08 -13.27 11.69
CA CYS A 272 -4.39 -12.63 10.40
C CYS A 272 -5.45 -11.57 10.56
N SER A 273 -5.30 -10.43 9.88
CA SER A 273 -6.28 -9.37 9.86
C SER A 273 -6.71 -9.02 8.44
N HIS A 274 -5.88 -9.25 7.44
CA HIS A 274 -6.14 -8.84 6.06
C HIS A 274 -6.64 -9.99 5.18
N TYR A 275 -7.75 -9.77 4.46
CA TYR A 275 -8.37 -10.80 3.61
C TYR A 275 -8.75 -10.19 2.27
N MET A 276 -8.88 -10.97 1.20
CA MET A 276 -9.33 -10.37 -0.06
C MET A 276 -9.90 -11.50 -0.96
N LYS A 277 -11.04 -11.19 -1.54
CA LYS A 277 -11.63 -12.17 -2.47
C LYS A 277 -10.69 -12.47 -3.60
N ASN A 278 -10.64 -13.74 -4.03
CA ASN A 278 -9.84 -14.13 -5.19
C ASN A 278 -10.48 -13.51 -6.41
N PHE A 279 -9.74 -12.69 -7.16
CA PHE A 279 -10.24 -11.95 -8.30
C PHE A 279 -10.84 -12.84 -9.38
N ASP A 280 -10.32 -14.05 -9.53
CA ASP A 280 -10.75 -14.91 -10.63
C ASP A 280 -11.97 -15.75 -10.26
N VAL A 281 -12.31 -15.79 -8.98
CA VAL A 281 -13.47 -16.57 -8.56
C VAL A 281 -14.76 -15.80 -8.85
N GLY A 282 -15.68 -16.49 -9.51
CA GLY A 282 -16.96 -15.88 -9.88
C GLY A 282 -18.03 -16.30 -8.87
N HIS A 283 -19.30 -16.12 -9.24
CA HIS A 283 -20.42 -16.48 -8.40
C HIS A 283 -20.32 -17.91 -7.89
N VAL A 284 -20.59 -18.06 -6.60
CA VAL A 284 -20.66 -19.35 -5.94
C VAL A 284 -21.94 -19.37 -5.10
N PRO A 285 -22.83 -20.31 -5.44
CA PRO A 285 -24.01 -20.56 -4.63
C PRO A 285 -23.62 -21.08 -3.26
N ILE A 286 -24.10 -20.46 -2.19
CA ILE A 286 -23.81 -20.97 -0.84
C ILE A 286 -25.12 -20.99 -0.06
N ARG A 287 -25.41 -22.09 0.61
CA ARG A 287 -26.65 -22.23 1.36
C ARG A 287 -26.40 -22.08 2.86
N LEU A 288 -25.20 -22.43 3.34
CA LEU A 288 -24.92 -22.17 4.75
C LEU A 288 -25.21 -20.70 5.05
N PRO A 289 -26.08 -20.42 6.00
CA PRO A 289 -26.64 -19.08 6.13
C PRO A 289 -25.61 -18.03 6.50
N ARG A 290 -24.73 -18.35 7.45
CA ARG A 290 -23.87 -17.26 8.00
C ARG A 290 -22.78 -16.98 6.97
N THR A 291 -22.37 -18.05 6.30
CA THR A 291 -21.33 -17.95 5.26
C THR A 291 -21.84 -17.24 4.02
N LYS A 292 -23.05 -17.57 3.57
CA LYS A 292 -23.71 -16.80 2.52
C LYS A 292 -23.84 -15.35 2.89
N HIS A 293 -24.35 -15.01 4.10
CA HIS A 293 -24.49 -13.59 4.45
C HIS A 293 -23.16 -12.86 4.39
N LEU A 294 -22.13 -13.48 4.95
CA LEU A 294 -20.82 -12.80 4.98
C LEU A 294 -20.28 -12.63 3.56
N LEU A 295 -20.46 -13.62 2.67
CA LEU A 295 -20.06 -13.40 1.28
C LEU A 295 -20.82 -12.24 0.64
N ASN A 296 -22.14 -12.16 0.91
CA ASN A 296 -22.88 -11.00 0.42
C ASN A 296 -22.35 -9.68 0.96
N VAL A 297 -22.07 -9.60 2.25
CA VAL A 297 -21.47 -8.39 2.82
C VAL A 297 -20.16 -8.03 2.14
N ILE A 298 -19.29 -9.03 1.94
CA ILE A 298 -18.03 -8.73 1.24
C ILE A 298 -18.27 -8.23 -0.17
N ASN A 299 -19.13 -8.93 -0.93
CA ASN A 299 -19.39 -8.53 -2.32
C ASN A 299 -19.94 -7.12 -2.39
N GLU A 300 -20.86 -6.75 -1.49
CA GLU A 300 -21.45 -5.41 -1.54
C GLU A 300 -20.45 -4.33 -1.09
N ASN A 301 -19.60 -4.60 -0.12
CA ASN A 301 -18.82 -3.52 0.49
C ASN A 301 -17.41 -3.47 -0.10
N PHE A 302 -16.85 -4.61 -0.49
CA PHE A 302 -15.43 -4.61 -0.87
C PHE A 302 -15.22 -5.10 -2.29
N GLY A 303 -16.14 -5.91 -2.84
CA GLY A 303 -15.86 -6.55 -4.12
C GLY A 303 -14.53 -7.29 -4.09
N THR A 304 -13.58 -6.98 -4.99
CA THR A 304 -12.29 -7.65 -5.02
C THR A 304 -11.25 -6.81 -4.27
N LEU A 305 -11.68 -5.77 -3.57
CA LEU A 305 -10.72 -4.99 -2.77
C LEU A 305 -10.40 -5.67 -1.44
N ALA A 306 -9.17 -5.53 -0.90
CA ALA A 306 -8.89 -6.16 0.39
C ALA A 306 -9.67 -5.46 1.50
N PHE A 307 -9.90 -6.20 2.57
CA PHE A 307 -10.57 -5.70 3.76
C PHE A 307 -9.92 -6.33 5.00
N CYS A 308 -10.31 -5.86 6.19
CA CYS A 308 -9.83 -6.45 7.43
C CYS A 308 -11.00 -6.72 8.39
N ARG A 309 -10.69 -7.45 9.49
CA ARG A 309 -11.78 -7.77 10.42
C ARG A 309 -12.41 -6.58 11.10
N ARG A 310 -11.59 -5.55 11.41
CA ARG A 310 -12.15 -4.33 11.98
C ARG A 310 -13.24 -3.72 11.09
N TRP A 311 -13.05 -3.77 9.78
CA TRP A 311 -14.03 -3.28 8.82
C TRP A 311 -15.29 -4.13 8.76
N LEU A 312 -15.23 -5.42 9.08
CA LEU A 312 -16.48 -6.17 9.27
C LEU A 312 -17.18 -5.73 10.55
N ASP A 313 -16.42 -5.57 11.64
CA ASP A 313 -17.00 -5.16 12.91
C ASP A 313 -17.75 -3.85 12.76
N ARG A 314 -17.18 -2.90 12.01
CA ARG A 314 -17.82 -1.58 11.91
C ARG A 314 -19.11 -1.65 11.11
N LEU A 315 -19.30 -2.67 10.26
CA LEU A 315 -20.57 -2.83 9.55
C LEU A 315 -21.61 -3.53 10.39
N GLY A 316 -21.30 -3.82 11.65
CA GLY A 316 -22.19 -4.51 12.55
C GLY A 316 -22.19 -6.02 12.38
N GLU A 317 -21.23 -6.61 11.65
CA GLU A 317 -21.12 -8.06 11.64
C GLU A 317 -20.56 -8.59 12.95
N SER A 318 -21.08 -9.73 13.38
CA SER A 318 -20.46 -10.44 14.51
C SER A 318 -20.68 -11.93 14.29
N LYS A 319 -19.94 -12.72 15.06
CA LYS A 319 -20.00 -14.18 14.89
C LYS A 319 -19.69 -14.51 13.43
N TYR A 320 -18.60 -13.96 12.89
CA TYR A 320 -18.36 -14.18 11.45
C TYR A 320 -17.09 -14.96 11.24
N LEU A 321 -16.38 -15.35 12.30
CA LEU A 321 -15.01 -15.82 12.06
C LEU A 321 -15.06 -17.20 11.40
N MET A 322 -16.03 -17.99 11.85
CA MET A 322 -16.17 -19.29 11.16
C MET A 322 -16.65 -19.12 9.73
N ALA A 323 -17.62 -18.22 9.45
CA ALA A 323 -17.95 -17.96 8.05
C ALA A 323 -16.74 -17.51 7.23
N LEU A 324 -15.95 -16.60 7.78
CA LEU A 324 -14.73 -16.16 7.07
C LEU A 324 -13.76 -17.29 6.79
N LYS A 325 -13.49 -18.16 7.77
CA LYS A 325 -12.70 -19.35 7.52
C LYS A 325 -13.27 -20.23 6.43
N ASN A 326 -14.61 -20.46 6.45
CA ASN A 326 -15.22 -21.24 5.38
C ASN A 326 -14.92 -20.67 4.00
N LEU A 327 -15.08 -19.33 3.84
CA LEU A 327 -14.80 -18.72 2.54
C LEU A 327 -13.31 -18.87 2.17
N CYS A 328 -12.43 -18.85 3.15
CA CYS A 328 -11.00 -19.05 2.87
C CYS A 328 -10.75 -20.51 2.46
N ASP A 329 -11.38 -21.43 3.18
CA ASP A 329 -11.18 -22.85 2.87
C ASP A 329 -11.79 -23.23 1.53
N LEU A 330 -12.87 -22.55 1.12
CA LEU A 330 -13.44 -22.70 -0.20
C LEU A 330 -12.58 -22.10 -1.30
N GLY A 331 -11.60 -21.26 -0.97
CA GLY A 331 -10.81 -20.58 -1.96
C GLY A 331 -11.52 -19.36 -2.51
N ILE A 332 -12.62 -18.92 -1.93
CA ILE A 332 -13.32 -17.73 -2.44
C ILE A 332 -12.62 -16.46 -1.94
N VAL A 333 -12.16 -16.51 -0.71
CA VAL A 333 -11.39 -15.46 -0.06
C VAL A 333 -10.00 -16.01 0.23
N ASP A 334 -8.98 -15.17 0.18
CA ASP A 334 -7.65 -15.56 0.61
C ASP A 334 -7.21 -14.72 1.82
N PRO A 335 -6.54 -15.33 2.77
CA PRO A 335 -6.01 -14.63 3.94
C PRO A 335 -4.61 -14.12 3.61
N TYR A 336 -4.25 -12.97 4.14
CA TYR A 336 -2.91 -12.39 3.96
C TYR A 336 -2.37 -12.02 5.34
N PRO A 337 -1.70 -12.97 6.02
CA PRO A 337 -1.26 -12.73 7.37
C PRO A 337 -0.06 -11.78 7.40
N PRO A 338 0.25 -11.21 8.54
CA PRO A 338 1.46 -10.40 8.66
C PRO A 338 2.69 -11.17 8.18
N LEU A 339 3.61 -10.42 7.60
CA LEU A 339 4.82 -10.92 6.99
C LEU A 339 6.03 -10.34 7.73
N CYS A 340 6.74 -11.21 8.44
CA CYS A 340 7.75 -10.72 9.39
C CYS A 340 9.07 -11.42 9.18
N ASP A 341 10.14 -10.63 9.34
CA ASP A 341 11.51 -11.22 9.37
C ASP A 341 11.74 -11.70 10.78
N ILE A 342 12.98 -12.14 11.08
CA ILE A 342 13.29 -12.76 12.33
C ILE A 342 13.12 -11.83 13.52
N LYS A 343 12.86 -12.44 14.67
CA LYS A 343 12.75 -11.65 15.91
C LYS A 343 13.99 -10.83 16.18
N GLY A 344 13.82 -9.59 16.66
CA GLY A 344 14.88 -8.63 16.86
C GLY A 344 15.37 -7.86 15.63
N SER A 345 14.94 -8.20 14.42
CA SER A 345 15.36 -7.43 13.24
C SER A 345 14.47 -6.20 13.00
N TYR A 346 14.99 -5.29 12.16
CA TYR A 346 14.30 -4.03 11.89
C TYR A 346 14.01 -3.94 10.42
N THR A 347 12.73 -3.60 10.02
CA THR A 347 12.46 -3.52 8.59
C THR A 347 11.84 -2.14 8.29
N ALA A 348 12.06 -1.62 7.11
CA ALA A 348 11.50 -0.32 6.69
C ALA A 348 11.00 -0.42 5.25
N GLN A 349 10.07 0.48 4.89
CA GLN A 349 9.40 0.38 3.60
C GLN A 349 9.13 1.80 3.09
N PHE A 350 9.34 2.04 1.81
CA PHE A 350 8.80 3.23 1.14
C PHE A 350 8.19 2.79 -0.20
N GLU A 351 7.14 3.53 -0.64
CA GLU A 351 6.44 3.04 -1.81
C GLU A 351 5.75 4.21 -2.52
N HIS A 352 5.73 4.21 -3.84
CA HIS A 352 4.82 5.07 -4.60
C HIS A 352 4.11 4.27 -5.71
N THR A 353 3.00 4.82 -6.21
CA THR A 353 2.31 4.31 -7.40
C THR A 353 2.74 5.15 -8.60
N ILE A 354 3.06 4.48 -9.71
CA ILE A 354 3.50 5.19 -10.92
C ILE A 354 2.57 4.80 -12.07
N LEU A 355 2.33 5.78 -12.96
CA LEU A 355 1.54 5.51 -14.16
C LEU A 355 2.47 5.51 -15.38
N LEU A 356 2.44 4.48 -16.20
CA LEU A 356 3.27 4.43 -17.41
C LEU A 356 2.43 5.00 -18.59
N ARG A 357 2.30 6.31 -18.53
CA ARG A 357 1.51 6.98 -19.59
C ARG A 357 2.26 6.93 -20.90
N PRO A 358 1.55 7.10 -22.02
CA PRO A 358 2.18 7.07 -23.33
C PRO A 358 3.25 8.12 -23.50
N THR A 359 3.10 9.30 -22.90
CA THR A 359 4.00 10.42 -23.07
C THR A 359 5.06 10.58 -21.99
N CYS A 360 4.92 9.84 -20.87
CA CYS A 360 5.78 10.10 -19.73
C CYS A 360 5.41 9.13 -18.58
N LYS A 361 6.30 9.15 -17.60
CA LYS A 361 6.11 8.32 -16.39
C LYS A 361 5.68 9.29 -15.30
N GLU A 362 4.53 9.04 -14.69
CA GLU A 362 4.07 9.97 -13.65
C GLU A 362 4.12 9.25 -12.28
N VAL A 363 4.85 9.84 -11.36
CA VAL A 363 4.91 9.34 -9.97
C VAL A 363 3.75 10.03 -9.30
N VAL A 364 2.60 9.37 -9.49
CA VAL A 364 1.31 10.05 -9.21
C VAL A 364 1.16 10.36 -7.75
N SER A 365 1.76 9.49 -6.86
CA SER A 365 1.58 9.78 -5.43
C SER A 365 2.73 10.55 -4.80
N ARG A 366 3.67 11.05 -5.59
CA ARG A 366 4.79 11.85 -5.08
C ARG A 366 4.30 13.06 -4.32
N GLY A 367 4.95 13.40 -3.20
CA GLY A 367 4.53 14.61 -2.46
C GLY A 367 5.72 15.49 -2.15
N ASP A 368 5.51 16.53 -1.34
CA ASP A 368 6.65 17.33 -0.86
C ASP A 368 7.34 16.68 0.32
N ASP A 369 6.74 15.62 0.86
CA ASP A 369 7.26 14.82 1.95
C ASP A 369 8.15 13.68 1.49
N TYR A 370 7.74 12.84 0.52
CA TYR A 370 8.63 11.81 -0.01
C TYR A 370 8.12 11.43 -1.39
CO CO B . 2.03 -2.45 -2.50
CO CO C . 1.27 -0.69 -0.11
C5 OVA D . 4.19 -6.49 -0.45
C4 OVA D . 4.11 -7.56 -1.52
C3 OVA D . 2.78 -7.53 -2.31
C2 OVA D . 1.61 -7.69 -1.28
C1 OVA D . 1.63 -6.55 -0.26
C6 OVA D . 2.96 -6.56 0.48
O11 OVA D . 1.58 -5.37 -0.94
C11 OVA D . 0.47 -6.51 0.75
C21 OVA D . 0.30 -7.72 -2.09
C22 OVA D . -0.82 -8.61 -1.52
C23 OVA D . -2.28 -8.26 -1.85
C24 OVA D . -2.72 -7.03 -1.04
C25 OVA D . -3.37 -6.95 0.12
C2A OVA D . -0.08 -6.69 -3.14
O2A OVA D . -0.06 -9.02 -2.60
C2B OVA D . -3.50 -5.60 0.79
C2C OVA D . -3.75 -8.14 0.97
O31 OVA D . 2.70 -8.61 -3.24
C31 OVA D . 3.44 -8.33 -4.43
O41 OVA D . 4.96 -8.38 -1.72
O1 OVA D . 1.80 -8.90 -0.71
#